data_2J34
#
_entry.id   2J34
#
_cell.length_a   56.867
_cell.length_b   73.147
_cell.length_c   80.125
_cell.angle_alpha   90.00
_cell.angle_beta   90.00
_cell.angle_gamma   90.00
#
_symmetry.space_group_name_H-M   'P 21 21 21'
#
loop_
_entity.id
_entity.type
_entity.pdbx_description
1 polymer 'ACTIVATED FACTOR XA HEAVY CHAIN'
2 polymer 'FACTOR X LIGHT CHAIN'
3 non-polymer 6-CHLORO-N-{(3S)-1-[(1S)-1-METHYL-2-MORPHOLIN-4-YL-2-OXOETHYL]-2-OXOPYRROLIDIN-3-YL}-1-BENZOTHIOPHENE-2-SULFONAMIDE
4 non-polymer 'CALCIUM ION'
5 water water
#
loop_
_entity_poly.entity_id
_entity_poly.type
_entity_poly.pdbx_seq_one_letter_code
_entity_poly.pdbx_strand_id
1 'polypeptide(L)'
;IVGGQECKDGECPWQALLINEENEGFCGGTILSEFYILTAAHCLYQAKRFKVRVGDRNTEQEEGGEAVHEVEVVIKHNRF
TKETYDFDIAVLRLKTPITFRMNVAPACLPERDWAESTLMTQKTGIVSGFGRTHEKGRQSTRLKMLEVPYVDRNSCKLSS
SFIITQNMFCAGYDTKQEDACQGDSGGPHVTRFKDTYFVTGIVSWGEGCARKGKYGIYTKVTAFLKWIDRSMKTRGLPKA
KSHAPEVITSSPLK
;
A
2 'polypeptide(L)'
;EEMKKGHLERECMEETCSYEEAREVFEDSDKTNEFWNKYKDGDQCETSPCQNQGKCKDGLGEYTCTCLEGFEGKNCELFT
RKLCSLDNGDCDQFCHEEQNSVVCSCARGYTLADNGKACIPTGPYPCGKQTLER
;
B
#
# COMPACT_ATOMS: atom_id res chain seq x y z
N ILE A 1 -13.93 -0.52 -2.68
CA ILE A 1 -13.64 0.65 -3.55
C ILE A 1 -14.93 1.17 -4.23
N VAL A 2 -15.22 2.45 -4.03
CA VAL A 2 -16.35 3.14 -4.70
C VAL A 2 -15.79 3.78 -5.96
N GLY A 3 -16.36 3.45 -7.11
CA GLY A 3 -15.87 4.02 -8.35
C GLY A 3 -14.63 3.26 -8.80
N GLY A 4 -13.73 3.95 -9.47
CA GLY A 4 -12.51 3.34 -9.98
C GLY A 4 -12.74 2.31 -11.06
N GLN A 5 -11.80 1.38 -11.18
CA GLN A 5 -11.82 0.40 -12.23
C GLN A 5 -11.38 -0.99 -11.72
N GLU A 6 -11.68 -2.05 -12.47
CA GLU A 6 -11.19 -3.41 -12.13
C GLU A 6 -9.68 -3.46 -12.31
N CYS A 7 -8.94 -4.13 -11.41
CA CYS A 7 -7.55 -4.40 -11.75
C CYS A 7 -7.52 -5.44 -12.88
N LYS A 8 -6.89 -5.08 -13.99
CA LYS A 8 -6.67 -6.02 -15.12
C LYS A 8 -5.48 -6.97 -14.83
N ASP A 9 -5.34 -8.00 -15.66
CA ASP A 9 -4.37 -9.09 -15.43
C ASP A 9 -2.98 -8.50 -15.16
N GLY A 10 -2.40 -8.82 -14.02
CA GLY A 10 -1.03 -8.35 -13.70
C GLY A 10 -0.85 -6.92 -13.18
N GLU A 11 -1.96 -6.18 -13.05
CA GLU A 11 -1.89 -4.76 -12.67
C GLU A 11 -1.75 -4.42 -11.18
N CYS A 12 -2.19 -5.32 -10.31
CA CYS A 12 -2.18 -5.09 -8.86
C CYS A 12 -1.58 -6.31 -8.16
N PRO A 13 -0.34 -6.69 -8.52
CA PRO A 13 0.16 -7.98 -8.02
C PRO A 13 0.55 -8.07 -6.54
N TRP A 14 0.69 -6.92 -5.89
CA TRP A 14 1.07 -6.80 -4.46
C TRP A 14 -0.14 -6.87 -3.49
N GLN A 15 -1.35 -7.05 -4.03
CA GLN A 15 -2.54 -7.15 -3.20
C GLN A 15 -2.60 -8.46 -2.41
N ALA A 16 -2.87 -8.38 -1.10
CA ALA A 16 -3.13 -9.57 -0.29
C ALA A 16 -4.54 -9.36 0.26
N LEU A 17 -5.20 -10.46 0.65
CA LEU A 17 -6.56 -10.42 1.24
C LEU A 17 -6.57 -11.26 2.52
N LEU A 18 -7.02 -10.69 3.64
CA LEU A 18 -7.06 -11.48 4.89
C LEU A 18 -8.43 -12.16 4.91
N ILE A 19 -8.43 -13.49 5.10
CA ILE A 19 -9.66 -14.28 5.03
C ILE A 19 -9.93 -14.98 6.36
N ASN A 20 -11.21 -15.04 6.74
CA ASN A 20 -11.61 -15.68 7.99
C ASN A 20 -11.84 -17.19 7.84
N GLU A 21 -12.27 -17.81 8.94
CA GLU A 21 -12.55 -19.25 9.01
C GLU A 21 -13.52 -19.74 7.93
N GLU A 22 -14.44 -18.85 7.50
CA GLU A 22 -15.40 -19.17 6.42
C GLU A 22 -14.93 -18.80 5.01
N ASN A 23 -13.62 -18.54 4.85
CA ASN A 23 -13.00 -18.12 3.56
C ASN A 23 -13.58 -16.82 3.00
N GLU A 24 -13.92 -15.91 3.91
CA GLU A 24 -14.44 -14.61 3.51
C GLU A 24 -13.44 -13.49 3.87
N GLY A 25 -13.18 -12.60 2.92
CA GLY A 25 -12.31 -11.43 3.15
C GLY A 25 -12.89 -10.46 4.17
N PHE A 26 -12.04 -9.91 5.03
CA PHE A 26 -12.46 -8.85 5.96
C PHE A 26 -11.48 -7.66 5.98
N CYS A 27 -10.34 -7.78 5.30
CA CYS A 27 -9.33 -6.70 5.28
C CYS A 27 -8.30 -7.00 4.17
N GLY A 28 -7.50 -5.98 3.81
CA GLY A 28 -6.46 -6.17 2.80
C GLY A 28 -5.08 -6.19 3.42
N GLY A 29 -4.08 -6.30 2.55
CA GLY A 29 -2.65 -6.24 2.94
C GLY A 29 -1.80 -5.93 1.72
N THR A 30 -0.51 -5.66 1.93
CA THR A 30 0.46 -5.45 0.84
C THR A 30 1.63 -6.41 0.98
N ILE A 31 1.95 -7.11 -0.12
CA ILE A 31 3.10 -8.00 -0.16
C ILE A 31 4.37 -7.16 -0.16
N LEU A 32 5.21 -7.35 0.85
CA LEU A 32 6.48 -6.63 0.98
C LEU A 32 7.71 -7.49 0.55
N SER A 33 7.60 -8.81 0.66
CA SER A 33 8.70 -9.74 0.33
C SER A 33 8.13 -11.17 0.39
N GLU A 34 8.95 -12.21 0.16
CA GLU A 34 8.40 -13.57 0.11
C GLU A 34 7.81 -14.05 1.46
N PHE A 35 8.29 -13.50 2.59
CA PHE A 35 7.79 -13.86 3.94
C PHE A 35 6.92 -12.80 4.63
N TYR A 36 6.86 -11.55 4.12
CA TYR A 36 6.11 -10.51 4.87
C TYR A 36 4.97 -9.76 4.18
N ILE A 37 3.89 -9.56 4.97
CA ILE A 37 2.71 -8.79 4.59
C ILE A 37 2.52 -7.56 5.50
N LEU A 38 2.26 -6.39 4.89
CA LEU A 38 1.90 -5.16 5.63
C LEU A 38 0.38 -5.00 5.75
N THR A 39 -0.13 -4.65 6.94
CA THR A 39 -1.57 -4.47 7.11
C THR A 39 -1.88 -3.44 8.22
N ALA A 40 -3.15 -3.23 8.56
CA ALA A 40 -3.54 -2.31 9.64
C ALA A 40 -3.66 -3.07 10.93
N ALA A 41 -3.13 -2.48 12.02
CA ALA A 41 -3.25 -3.02 13.37
C ALA A 41 -4.71 -3.28 13.76
N HIS A 42 -5.62 -2.36 13.39
CA HIS A 42 -7.03 -2.52 13.78
C HIS A 42 -7.70 -3.77 13.15
N CYS A 43 -7.14 -4.27 12.05
CA CYS A 43 -7.69 -5.45 11.36
C CYS A 43 -7.59 -6.74 12.17
N LEU A 44 -6.63 -6.77 13.09
CA LEU A 44 -6.36 -7.94 13.92
C LEU A 44 -7.43 -8.24 14.95
N TYR A 45 -8.27 -7.25 15.26
CA TYR A 45 -9.34 -7.45 16.21
C TYR A 45 -10.64 -7.86 15.50
N GLN A 46 -10.55 -8.20 14.22
CA GLN A 46 -11.75 -8.53 13.42
C GLN A 46 -11.95 -10.00 13.06
N ALA A 47 -11.18 -10.89 13.66
CA ALA A 47 -11.29 -12.35 13.45
C ALA A 47 -10.32 -13.11 14.36
N LYS A 48 -10.76 -14.23 14.93
CA LYS A 48 -9.92 -15.04 15.84
C LYS A 48 -8.78 -15.73 15.09
N ARG A 49 -9.12 -16.40 13.99
CA ARG A 49 -8.10 -17.06 13.20
C ARG A 49 -8.25 -16.71 11.73
N PHE A 50 -7.15 -16.27 11.14
CA PHE A 50 -7.18 -15.90 9.73
C PHE A 50 -5.93 -16.37 8.98
N LYS A 51 -6.08 -16.40 7.66
CA LYS A 51 -5.02 -16.75 6.73
C LYS A 51 -4.90 -15.61 5.69
N VAL A 52 -3.90 -15.68 4.83
CA VAL A 52 -3.67 -14.66 3.81
C VAL A 52 -3.75 -15.27 2.41
N ARG A 53 -4.53 -14.64 1.52
CA ARG A 53 -4.62 -15.08 0.10
C ARG A 53 -3.99 -14.09 -0.88
N VAL A 54 -3.20 -14.61 -1.82
CA VAL A 54 -2.57 -13.78 -2.83
C VAL A 54 -2.87 -14.35 -4.23
N GLY A 55 -2.64 -13.54 -5.27
CA GLY A 55 -2.84 -13.96 -6.67
C GLY A 55 -4.28 -14.11 -7.16
N ASP A 56 -5.20 -13.42 -6.50
CA ASP A 56 -6.63 -13.56 -6.79
C ASP A 56 -7.19 -12.22 -7.28
N ARG A 57 -7.98 -12.26 -8.36
CA ARG A 57 -8.69 -11.06 -8.88
C ARG A 57 -10.22 -11.21 -8.95
N ASN A 58 -10.70 -12.46 -8.94
CA ASN A 58 -12.15 -12.79 -9.04
C ASN A 58 -12.42 -13.91 -8.05
N THR A 59 -13.11 -13.61 -6.95
CA THR A 59 -13.39 -14.63 -5.91
C THR A 59 -14.40 -15.75 -6.28
N GLU A 60 -15.04 -15.65 -7.45
CA GLU A 60 -16.03 -16.64 -7.91
C GLU A 60 -15.50 -17.71 -8.88
N GLN A 61 -14.26 -17.57 -9.34
CA GLN A 61 -13.66 -18.48 -10.34
C GLN A 61 -12.22 -18.79 -9.97
N GLU A 62 -11.67 -19.89 -10.51
CA GLU A 62 -10.26 -20.21 -10.31
C GLU A 62 -9.48 -19.78 -11.54
N GLU A 63 -8.51 -18.90 -11.33
CA GLU A 63 -7.74 -18.28 -12.41
C GLU A 63 -6.40 -18.99 -12.63
N GLY A 64 -5.93 -19.70 -11.59
CA GLY A 64 -4.69 -20.46 -11.65
C GLY A 64 -3.50 -19.94 -10.86
N GLY A 65 -3.58 -18.69 -10.39
CA GLY A 65 -2.49 -18.07 -9.65
C GLY A 65 -2.71 -17.96 -8.14
N GLU A 66 -3.89 -18.34 -7.66
CA GLU A 66 -4.25 -18.22 -6.24
C GLU A 66 -3.36 -19.05 -5.28
N ALA A 67 -3.00 -18.46 -4.14
CA ALA A 67 -2.27 -19.20 -3.10
C ALA A 67 -2.67 -18.70 -1.71
N VAL A 68 -3.02 -19.64 -0.82
CA VAL A 68 -3.31 -19.36 0.58
C VAL A 68 -2.09 -19.67 1.47
N HIS A 69 -1.81 -18.76 2.41
CA HIS A 69 -0.66 -18.87 3.33
C HIS A 69 -1.05 -18.68 4.77
N GLU A 70 -0.53 -19.57 5.64
CA GLU A 70 -0.70 -19.47 7.10
C GLU A 70 0.29 -18.47 7.73
N VAL A 71 -0.17 -17.81 8.80
CA VAL A 71 0.61 -16.82 9.51
C VAL A 71 1.41 -17.44 10.70
N GLU A 72 2.71 -17.25 10.72
CA GLU A 72 3.58 -17.73 11.82
C GLU A 72 3.62 -16.77 13.02
N VAL A 73 3.76 -15.46 12.74
CA VAL A 73 3.91 -14.43 13.77
C VAL A 73 3.16 -13.15 13.35
N VAL A 74 2.51 -12.50 14.32
CA VAL A 74 1.86 -11.19 14.15
C VAL A 74 2.72 -10.16 14.90
N ILE A 75 3.14 -9.10 14.21
CA ILE A 75 3.91 -8.01 14.82
C ILE A 75 3.08 -6.72 14.74
N LYS A 76 2.43 -6.36 15.86
CA LYS A 76 1.59 -5.17 15.92
C LYS A 76 2.32 -4.01 16.60
N HIS A 77 2.11 -2.76 16.14
CA HIS A 77 2.78 -1.62 16.79
C HIS A 77 2.28 -1.57 18.24
N ASN A 78 3.18 -1.46 19.20
CA ASN A 78 2.77 -1.42 20.61
C ASN A 78 2.09 -0.13 21.04
N ARG A 79 2.24 0.93 20.25
CA ARG A 79 1.57 2.22 20.54
C ARG A 79 0.21 2.42 19.87
N PHE A 80 -0.33 1.36 19.22
CA PHE A 80 -1.63 1.42 18.59
C PHE A 80 -2.75 1.71 19.62
N THR A 81 -3.64 2.63 19.28
CA THR A 81 -4.78 2.99 20.14
C THR A 81 -6.12 3.06 19.41
N LYS A 82 -7.07 2.25 19.89
CA LYS A 82 -8.43 2.13 19.32
C LYS A 82 -9.27 3.38 19.33
N GLU A 83 -8.95 4.31 20.22
CA GLU A 83 -9.75 5.51 20.38
C GLU A 83 -9.55 6.46 19.21
N THR A 84 -8.33 6.50 18.66
CA THR A 84 -7.99 7.42 17.59
C THR A 84 -7.46 6.78 16.30
N TYR A 85 -7.10 5.48 16.40
CA TYR A 85 -6.46 4.69 15.31
C TYR A 85 -5.05 5.21 14.99
N ASP A 86 -4.41 5.82 15.99
CA ASP A 86 -3.04 6.30 15.84
C ASP A 86 -2.14 5.04 15.82
N PHE A 87 -1.02 5.10 15.11
CA PHE A 87 -0.13 3.94 14.96
C PHE A 87 -0.90 2.73 14.42
N ASP A 88 -1.71 2.92 13.37
CA ASP A 88 -2.50 1.83 12.78
C ASP A 88 -1.67 1.03 11.75
N ILE A 89 -0.76 0.16 12.25
CA ILE A 89 0.17 -0.61 11.39
C ILE A 89 0.61 -1.92 12.04
N ALA A 90 0.70 -2.99 11.23
CA ALA A 90 1.16 -4.30 11.66
C ALA A 90 1.87 -5.02 10.52
N VAL A 91 2.77 -5.94 10.86
CA VAL A 91 3.46 -6.77 9.84
C VAL A 91 3.21 -8.25 10.20
N LEU A 92 2.98 -9.10 9.19
CA LEU A 92 2.74 -10.54 9.39
C LEU A 92 3.86 -11.37 8.78
N ARG A 93 4.46 -12.29 9.55
CA ARG A 93 5.43 -13.25 8.96
C ARG A 93 4.67 -14.56 8.61
N LEU A 94 4.84 -15.04 7.36
CA LEU A 94 4.15 -16.24 6.91
C LEU A 94 4.93 -17.54 7.21
N LYS A 95 4.21 -18.65 7.42
CA LYS A 95 4.90 -19.94 7.68
C LYS A 95 5.70 -20.43 6.44
N THR A 96 5.13 -20.28 5.24
CA THR A 96 5.81 -20.71 3.98
C THR A 96 6.01 -19.49 3.03
N PRO A 97 7.12 -19.50 2.23
CA PRO A 97 7.35 -18.33 1.35
C PRO A 97 6.41 -18.23 0.15
N ILE A 98 6.15 -16.99 -0.28
CA ILE A 98 5.31 -16.73 -1.45
C ILE A 98 6.16 -16.94 -2.70
N THR A 99 5.64 -17.75 -3.64
CA THR A 99 6.33 -17.98 -4.91
C THR A 99 5.80 -16.90 -5.90
N PHE A 100 6.65 -15.95 -6.27
CA PHE A 100 6.19 -14.88 -7.17
C PHE A 100 5.89 -15.47 -8.56
N ARG A 101 4.95 -14.87 -9.28
CA ARG A 101 4.47 -15.32 -10.60
C ARG A 101 3.52 -14.25 -11.11
N MET A 102 2.87 -14.51 -12.25
CA MET A 102 1.85 -13.59 -12.79
C MET A 102 0.84 -13.30 -11.68
N ASN A 103 0.54 -12.02 -11.42
CA ASN A 103 -0.35 -11.57 -10.34
C ASN A 103 0.13 -11.72 -8.88
N VAL A 104 1.41 -12.06 -8.70
CA VAL A 104 1.95 -12.22 -7.34
C VAL A 104 3.35 -11.64 -7.34
N ALA A 105 3.49 -10.43 -6.80
CA ALA A 105 4.79 -9.73 -6.71
C ALA A 105 4.75 -8.62 -5.64
N PRO A 106 5.90 -8.26 -5.05
CA PRO A 106 5.94 -7.25 -4.00
C PRO A 106 5.99 -5.79 -4.49
N ALA A 107 5.52 -4.86 -3.65
CA ALA A 107 5.64 -3.42 -3.91
C ALA A 107 6.96 -2.95 -3.28
N CYS A 108 7.55 -1.86 -3.78
CA CYS A 108 8.85 -1.41 -3.20
C CYS A 108 8.69 -0.52 -1.96
N LEU A 109 9.57 -0.70 -0.99
CA LEU A 109 9.61 0.21 0.17
C LEU A 109 10.54 1.36 -0.21
N PRO A 110 10.08 2.62 -0.11
CA PRO A 110 10.91 3.79 -0.48
C PRO A 110 11.78 4.23 0.71
N GLU A 111 12.72 5.17 0.50
CA GLU A 111 13.44 5.87 1.59
C GLU A 111 12.58 7.07 2.03
N ARG A 112 12.59 7.37 3.33
CA ARG A 112 11.73 8.44 3.89
C ARG A 112 11.80 9.83 3.24
N ASP A 113 12.97 10.46 3.20
CA ASP A 113 13.07 11.85 2.72
C ASP A 113 12.65 12.00 1.24
N TRP A 114 13.15 11.10 0.38
CA TRP A 114 12.76 11.10 -1.03
C TRP A 114 11.26 10.84 -1.22
N ALA A 115 10.68 9.91 -0.47
CA ALA A 115 9.22 9.67 -0.57
C ALA A 115 8.37 10.90 -0.20
N GLU A 116 8.74 11.54 0.92
CA GLU A 116 8.02 12.73 1.39
C GLU A 116 8.15 13.93 0.44
N SER A 117 9.33 14.15 -0.13
CA SER A 117 9.52 15.29 -1.03
C SER A 117 9.14 15.06 -2.49
N THR A 118 9.25 13.80 -2.93
CA THR A 118 9.01 13.48 -4.34
C THR A 118 7.76 12.62 -4.62
N LEU A 119 7.51 11.60 -3.82
CA LEU A 119 6.31 10.76 -4.05
C LEU A 119 5.01 11.40 -3.55
N MET A 120 5.02 11.88 -2.31
CA MET A 120 3.83 12.50 -1.71
C MET A 120 3.47 13.90 -2.23
N THR A 121 4.29 14.44 -3.12
CA THR A 121 4.00 15.70 -3.77
C THR A 121 3.57 15.46 -5.21
N GLN A 122 3.39 14.19 -5.61
CA GLN A 122 2.83 13.88 -6.96
C GLN A 122 1.33 14.18 -6.88
N LYS A 123 0.65 14.27 -8.01
CA LYS A 123 -0.79 14.57 -8.00
C LYS A 123 -1.64 13.50 -7.30
N THR A 124 -1.34 12.22 -7.57
CA THR A 124 -2.17 11.12 -7.08
C THR A 124 -1.44 9.86 -6.60
N GLY A 125 -2.15 9.05 -5.83
CA GLY A 125 -1.74 7.70 -5.44
C GLY A 125 -2.80 6.72 -5.94
N ILE A 126 -2.62 5.43 -5.66
CA ILE A 126 -3.54 4.40 -6.13
C ILE A 126 -3.90 3.52 -4.95
N VAL A 127 -5.20 3.36 -4.70
CA VAL A 127 -5.70 2.50 -3.63
C VAL A 127 -6.43 1.31 -4.26
N SER A 128 -6.42 0.15 -3.58
CA SER A 128 -7.05 -1.04 -4.13
C SER A 128 -7.61 -2.02 -3.08
N GLY A 129 -8.59 -2.84 -3.49
CA GLY A 129 -9.20 -3.85 -2.60
C GLY A 129 -10.48 -4.54 -3.07
N PHE A 130 -10.93 -5.53 -2.29
CA PHE A 130 -12.19 -6.25 -2.52
C PHE A 130 -13.35 -5.69 -1.63
N GLY A 131 -13.20 -4.49 -1.08
CA GLY A 131 -14.20 -3.88 -0.19
C GLY A 131 -15.50 -3.43 -0.88
N ARG A 132 -16.45 -2.93 -0.06
CA ARG A 132 -17.75 -2.46 -0.57
C ARG A 132 -17.66 -1.46 -1.72
N THR A 133 -18.57 -1.60 -2.70
CA THR A 133 -18.68 -0.76 -3.90
C THR A 133 -19.53 0.50 -3.69
N HIS A 134 -20.24 0.53 -2.57
CA HIS A 134 -21.08 1.64 -2.13
C HIS A 134 -21.13 1.49 -0.61
N GLU A 135 -21.22 2.61 0.11
CA GLU A 135 -21.26 2.63 1.59
C GLU A 135 -22.15 1.58 2.25
N LYS A 136 -23.31 1.33 1.66
CA LYS A 136 -24.26 0.37 2.23
C LYS A 136 -24.38 -0.94 1.43
N GLY A 137 -23.58 -1.04 0.36
CA GLY A 137 -23.59 -2.21 -0.51
C GLY A 137 -22.87 -3.43 0.05
N ARG A 138 -22.70 -4.44 -0.77
CA ARG A 138 -21.96 -5.63 -0.38
C ARG A 138 -20.50 -5.59 -0.89
N GLN A 139 -19.69 -6.51 -0.40
CA GLN A 139 -18.29 -6.57 -0.84
C GLN A 139 -18.17 -6.96 -2.31
N SER A 140 -17.11 -6.48 -2.95
CA SER A 140 -16.85 -6.76 -4.35
C SER A 140 -16.28 -8.19 -4.54
N THR A 141 -16.75 -8.90 -5.57
CA THR A 141 -16.19 -10.21 -5.91
C THR A 141 -15.00 -9.97 -6.85
N ARG A 142 -14.85 -8.73 -7.33
CA ARG A 142 -13.71 -8.38 -8.20
C ARG A 142 -12.75 -7.40 -7.50
N LEU A 143 -11.44 -7.64 -7.67
CA LEU A 143 -10.44 -6.71 -7.16
C LEU A 143 -10.50 -5.40 -7.93
N LYS A 144 -10.65 -4.28 -7.21
CA LYS A 144 -10.69 -2.95 -7.82
C LYS A 144 -9.51 -2.04 -7.41
N MET A 145 -9.20 -1.05 -8.26
CA MET A 145 -8.18 -0.02 -8.01
C MET A 145 -8.79 1.35 -8.34
N LEU A 146 -8.26 2.39 -7.70
CA LEU A 146 -8.74 3.76 -7.85
C LEU A 146 -7.61 4.76 -7.65
N GLU A 147 -7.49 5.70 -8.59
CA GLU A 147 -6.54 6.79 -8.49
C GLU A 147 -7.11 7.85 -7.53
N VAL A 148 -6.36 8.24 -6.49
CA VAL A 148 -6.85 9.20 -5.48
C VAL A 148 -5.86 10.37 -5.27
N PRO A 149 -6.33 11.63 -5.44
CA PRO A 149 -5.44 12.78 -5.21
C PRO A 149 -4.94 12.94 -3.78
N TYR A 150 -3.69 13.36 -3.63
CA TYR A 150 -3.19 13.74 -2.29
C TYR A 150 -3.98 14.98 -1.85
N VAL A 151 -4.36 15.06 -0.59
CA VAL A 151 -5.14 16.21 -0.11
C VAL A 151 -4.34 17.13 0.81
N ASP A 152 -4.43 18.44 0.60
CA ASP A 152 -3.78 19.42 1.48
C ASP A 152 -4.11 19.10 2.96
N ARG A 153 -3.06 19.03 3.79
CA ARG A 153 -3.17 18.68 5.21
C ARG A 153 -4.07 19.61 6.05
N ASN A 154 -3.97 20.92 5.81
CA ASN A 154 -4.82 21.88 6.54
C ASN A 154 -6.32 21.70 6.20
N SER A 155 -6.64 21.52 4.91
CA SER A 155 -8.02 21.28 4.48
C SER A 155 -8.57 20.02 5.12
N CYS A 156 -7.75 18.96 5.12
CA CYS A 156 -8.15 17.70 5.73
C CYS A 156 -8.51 17.86 7.20
N LYS A 157 -7.64 18.55 7.94
CA LYS A 157 -7.88 18.77 9.38
C LYS A 157 -9.19 19.53 9.64
N LEU A 158 -9.48 20.53 8.81
CA LEU A 158 -10.73 21.30 8.94
C LEU A 158 -12.01 20.48 8.68
N SER A 159 -11.92 19.54 7.74
CA SER A 159 -13.05 18.68 7.35
C SER A 159 -13.37 17.56 8.33
N SER A 160 -12.44 17.27 9.24
CA SER A 160 -12.56 16.09 10.11
C SER A 160 -13.12 16.34 11.51
N SER A 161 -14.05 15.47 11.91
CA SER A 161 -14.66 15.43 13.25
C SER A 161 -13.78 14.66 14.23
N PHE A 162 -12.75 13.98 13.70
CA PHE A 162 -11.83 13.16 14.49
C PHE A 162 -10.40 13.64 14.26
N ILE A 163 -9.55 13.49 15.27
CA ILE A 163 -8.15 13.94 15.18
C ILE A 163 -7.28 13.27 14.08
N ILE A 164 -6.45 14.08 13.41
CA ILE A 164 -5.50 13.62 12.38
C ILE A 164 -4.11 13.78 12.97
N THR A 165 -3.55 12.68 13.44
CA THR A 165 -2.22 12.70 14.03
C THR A 165 -1.12 12.83 12.98
N GLN A 166 0.11 13.03 13.46
CA GLN A 166 1.32 13.12 12.62
C GLN A 166 1.59 11.78 11.85
N ASN A 167 0.86 10.73 12.23
CA ASN A 167 0.99 9.38 11.67
C ASN A 167 -0.06 9.06 10.61
N MET A 168 -0.78 10.09 10.13
CA MET A 168 -1.86 9.93 9.16
C MET A 168 -1.76 10.96 8.05
N PHE A 169 -2.31 10.63 6.88
CA PHE A 169 -2.47 11.60 5.78
C PHE A 169 -3.82 11.40 5.12
N CYS A 170 -4.23 12.36 4.31
CA CYS A 170 -5.54 12.29 3.67
C CYS A 170 -5.43 12.23 2.15
N ALA A 171 -6.39 11.55 1.51
CA ALA A 171 -6.42 11.42 0.03
C ALA A 171 -7.84 11.19 -0.45
N GLY A 172 -8.11 11.53 -1.71
CA GLY A 172 -9.47 11.34 -2.25
C GLY A 172 -10.10 12.63 -2.81
N TYR A 173 -11.42 12.72 -2.73
CA TYR A 173 -12.15 13.84 -3.32
C TYR A 173 -13.11 14.52 -2.37
N ASP A 174 -13.30 15.83 -2.54
CA ASP A 174 -14.26 16.63 -1.76
C ASP A 174 -15.68 16.09 -1.97
N THR A 175 -16.17 16.12 -3.21
CA THR A 175 -17.54 15.68 -3.55
C THR A 175 -17.67 14.50 -4.56
N LYS A 176 -16.70 14.34 -5.46
CA LYS A 176 -16.77 13.23 -6.47
C LYS A 176 -17.05 11.88 -5.78
N GLN A 177 -17.83 11.02 -6.42
CA GLN A 177 -18.18 9.71 -5.84
C GLN A 177 -17.14 8.58 -6.05
N GLU A 178 -15.95 8.76 -5.47
CA GLU A 178 -14.86 7.79 -5.55
C GLU A 178 -14.10 7.83 -4.21
N ASP A 179 -13.86 6.65 -3.62
CA ASP A 179 -13.23 6.49 -2.29
C ASP A 179 -13.00 4.98 -2.00
N ALA A 180 -12.23 4.70 -0.96
CA ALA A 180 -12.07 3.36 -0.44
C ALA A 180 -13.33 3.19 0.41
N CYS A 181 -13.52 1.99 0.98
CA CYS A 181 -14.71 1.71 1.81
C CYS A 181 -14.49 0.52 2.78
N GLN A 182 -15.56 0.07 3.43
CA GLN A 182 -15.48 -1.04 4.41
C GLN A 182 -14.91 -2.34 3.76
N GLY A 183 -13.96 -3.01 4.43
CA GLY A 183 -13.32 -4.21 3.84
C GLY A 183 -12.01 -3.95 3.08
N ASP A 184 -11.77 -2.70 2.73
CA ASP A 184 -10.52 -2.31 2.04
C ASP A 184 -9.39 -2.03 3.03
N SER A 185 -9.76 -1.86 4.32
CA SER A 185 -8.79 -1.51 5.37
C SER A 185 -7.60 -2.47 5.41
N GLY A 186 -6.39 -1.93 5.66
CA GLY A 186 -5.14 -2.72 5.67
C GLY A 186 -4.51 -2.89 4.28
N GLY A 187 -5.27 -2.52 3.24
CA GLY A 187 -4.86 -2.63 1.83
C GLY A 187 -3.81 -1.62 1.36
N PRO A 188 -3.30 -1.78 0.13
CA PRO A 188 -2.24 -0.90 -0.38
C PRO A 188 -2.66 0.54 -0.77
N HIS A 189 -1.81 1.51 -0.44
CA HIS A 189 -1.86 2.85 -1.05
C HIS A 189 -0.44 2.91 -1.66
N VAL A 190 -0.34 3.01 -3.00
CA VAL A 190 0.96 3.03 -3.68
C VAL A 190 1.07 4.26 -4.60
N THR A 191 2.30 4.70 -4.90
CA THR A 191 2.57 5.83 -5.80
C THR A 191 3.52 5.39 -6.93
N ARG A 192 3.11 5.69 -8.15
CA ARG A 192 3.88 5.35 -9.34
C ARG A 192 4.93 6.42 -9.63
N PHE A 193 6.16 5.98 -9.90
CA PHE A 193 7.24 6.90 -10.27
C PHE A 193 8.07 6.21 -11.36
N LYS A 194 8.06 6.79 -12.58
CA LYS A 194 8.76 6.17 -13.74
C LYS A 194 8.43 4.67 -13.87
N ASP A 195 7.15 4.33 -13.87
CA ASP A 195 6.71 2.92 -14.04
C ASP A 195 7.13 1.91 -12.94
N THR A 196 7.53 2.40 -11.75
CA THR A 196 7.81 1.57 -10.56
C THR A 196 6.89 2.04 -9.42
N TYR A 197 6.27 1.08 -8.71
CA TYR A 197 5.27 1.37 -7.69
C TYR A 197 5.82 1.19 -6.26
N PHE A 198 5.78 2.27 -5.47
CA PHE A 198 6.27 2.30 -4.08
C PHE A 198 5.13 2.39 -3.07
N VAL A 199 5.27 1.69 -1.94
CA VAL A 199 4.27 1.76 -0.85
C VAL A 199 4.32 3.12 -0.16
N THR A 200 3.18 3.83 -0.15
CA THR A 200 3.10 5.16 0.47
C THR A 200 2.08 5.24 1.63
N GLY A 201 1.19 4.25 1.72
CA GLY A 201 0.17 4.25 2.80
C GLY A 201 -0.57 2.95 3.04
N ILE A 202 -1.37 2.91 4.10
CA ILE A 202 -2.17 1.74 4.43
C ILE A 202 -3.60 2.26 4.63
N VAL A 203 -4.58 1.69 3.89
CA VAL A 203 -5.99 2.04 4.07
C VAL A 203 -6.37 1.98 5.57
N SER A 204 -6.79 3.13 6.15
CA SER A 204 -7.04 3.17 7.62
C SER A 204 -8.50 3.41 8.04
N TRP A 205 -8.99 4.64 7.85
CA TRP A 205 -10.37 4.96 8.27
C TRP A 205 -11.03 6.08 7.49
N GLY A 206 -12.32 6.31 7.77
CA GLY A 206 -13.08 7.36 7.08
C GLY A 206 -14.49 7.49 7.67
N GLU A 207 -15.08 8.68 7.60
CA GLU A 207 -16.46 8.92 8.12
C GLU A 207 -17.45 8.54 6.99
N GLY A 208 -17.82 7.26 6.91
CA GLY A 208 -18.57 6.75 5.77
C GLY A 208 -17.66 6.49 4.56
N CYS A 209 -18.25 6.45 3.36
CA CYS A 209 -17.51 6.21 2.13
C CYS A 209 -17.94 7.21 1.06
N ALA A 210 -16.98 7.96 0.53
CA ALA A 210 -17.25 8.95 -0.51
C ALA A 210 -18.25 10.06 -0.11
N ARG A 211 -18.35 10.39 1.18
CA ARG A 211 -19.24 11.48 1.61
C ARG A 211 -18.72 12.86 1.23
N LYS A 212 -19.65 13.77 0.93
CA LYS A 212 -19.27 15.13 0.58
C LYS A 212 -18.62 15.85 1.76
N GLY A 213 -17.53 16.56 1.47
CA GLY A 213 -16.74 17.25 2.50
C GLY A 213 -15.90 16.37 3.41
N LYS A 214 -15.80 15.07 3.07
CA LYS A 214 -15.00 14.09 3.83
C LYS A 214 -13.98 13.32 2.96
N TYR A 215 -12.80 13.06 3.52
CA TYR A 215 -11.71 12.36 2.80
C TYR A 215 -11.36 10.99 3.40
N GLY A 216 -10.53 10.22 2.69
CA GLY A 216 -10.07 8.91 3.20
C GLY A 216 -8.79 9.14 3.96
N ILE A 217 -8.66 8.48 5.12
CA ILE A 217 -7.49 8.66 5.96
C ILE A 217 -6.62 7.39 5.94
N TYR A 218 -5.32 7.61 5.72
CA TYR A 218 -4.34 6.55 5.53
C TYR A 218 -3.20 6.61 6.55
N THR A 219 -2.70 5.44 6.99
CA THR A 219 -1.49 5.41 7.83
C THR A 219 -0.30 5.92 6.96
N LYS A 220 0.47 6.86 7.51
CA LYS A 220 1.64 7.43 6.85
C LYS A 220 2.85 6.47 6.99
N VAL A 221 3.00 5.59 6.01
CA VAL A 221 4.07 4.58 5.96
C VAL A 221 5.47 5.17 6.09
N THR A 222 5.67 6.39 5.56
CA THR A 222 7.01 7.02 5.63
C THR A 222 7.50 7.32 7.05
N ALA A 223 6.57 7.46 7.99
CA ALA A 223 6.90 7.64 9.42
C ALA A 223 7.32 6.33 10.07
N PHE A 224 7.08 5.21 9.37
CA PHE A 224 7.33 3.85 9.92
C PHE A 224 8.38 2.95 9.22
N LEU A 225 9.23 3.54 8.39
CA LEU A 225 10.20 2.76 7.63
C LEU A 225 11.26 2.03 8.47
N LYS A 226 11.82 2.69 9.49
CA LYS A 226 12.77 1.99 10.37
C LYS A 226 12.02 0.94 11.19
N TRP A 227 10.80 1.24 11.60
CA TRP A 227 9.99 0.25 12.35
C TRP A 227 9.74 -1.03 11.50
N ILE A 228 9.31 -0.81 10.25
CA ILE A 228 9.07 -1.89 9.29
C ILE A 228 10.35 -2.70 9.08
N ASP A 229 11.48 -2.03 8.86
CA ASP A 229 12.77 -2.74 8.68
C ASP A 229 13.14 -3.66 9.86
N ARG A 230 12.94 -3.19 11.09
CA ARG A 230 13.20 -3.98 12.31
C ARG A 230 12.31 -5.22 12.35
N SER A 231 11.02 -5.03 12.09
CA SER A 231 10.06 -6.14 12.10
C SER A 231 10.39 -7.25 11.09
N MET A 232 10.96 -6.87 9.95
CA MET A 232 11.31 -7.83 8.91
C MET A 232 12.66 -8.52 9.13
N LYS A 233 13.29 -8.25 10.27
CA LYS A 233 14.53 -8.97 10.61
C LYS A 233 14.28 -10.03 11.69
N THR A 234 13.06 -10.01 12.22
CA THR A 234 12.58 -11.00 13.20
C THR A 234 11.08 -10.82 13.41
N LYS B 82 17.30 23.13 -8.80
CA LYS B 82 18.70 22.66 -8.52
C LYS B 82 18.84 21.21 -7.98
N LEU B 83 19.84 20.49 -8.48
CA LEU B 83 20.15 19.12 -8.04
C LEU B 83 18.91 18.18 -8.01
N CYS B 84 18.57 17.61 -6.85
CA CYS B 84 17.44 16.68 -6.80
C CYS B 84 16.08 17.30 -7.12
N SER B 85 15.99 18.63 -7.08
CA SER B 85 14.76 19.36 -7.42
C SER B 85 14.58 19.55 -8.92
N LEU B 86 15.64 19.32 -9.70
CA LEU B 86 15.51 19.44 -11.14
C LEU B 86 15.39 18.04 -11.70
N ASP B 87 14.15 17.67 -12.01
CA ASP B 87 13.81 16.37 -12.59
C ASP B 87 14.41 15.16 -11.85
N ASN B 88 14.35 15.18 -10.52
CA ASN B 88 14.88 14.05 -9.69
C ASN B 88 16.38 13.78 -9.88
N GLY B 89 17.13 14.81 -10.27
CA GLY B 89 18.57 14.71 -10.51
C GLY B 89 18.95 13.73 -11.63
N ASP B 90 17.98 13.39 -12.49
CA ASP B 90 18.14 12.42 -13.62
C ASP B 90 18.18 10.95 -13.09
N CYS B 91 17.91 10.77 -11.79
CA CYS B 91 17.87 9.43 -11.18
C CYS B 91 16.59 8.63 -11.55
N ASP B 92 16.70 7.30 -11.67
CA ASP B 92 15.54 6.44 -11.88
C ASP B 92 14.66 6.34 -10.61
N GLN B 93 15.32 6.27 -9.44
CA GLN B 93 14.61 6.07 -8.16
C GLN B 93 15.08 7.11 -7.12
N PHE B 94 15.75 6.69 -6.04
CA PHE B 94 16.10 7.65 -4.96
C PHE B 94 17.17 8.66 -5.34
N CYS B 95 16.98 9.91 -4.93
CA CYS B 95 17.95 11.00 -5.18
C CYS B 95 18.30 11.63 -3.84
N HIS B 96 19.60 11.86 -3.63
CA HIS B 96 20.15 12.45 -2.42
C HIS B 96 21.20 13.54 -2.77
N GLU B 97 21.15 14.68 -2.08
CA GLU B 97 22.14 15.77 -2.32
C GLU B 97 23.29 15.74 -1.33
N GLU B 98 24.50 15.59 -1.84
CA GLU B 98 25.71 15.63 -1.03
C GLU B 98 26.70 16.64 -1.61
N GLN B 99 27.04 17.64 -0.80
CA GLN B 99 28.03 18.68 -1.12
C GLN B 99 27.84 19.25 -2.52
N ASN B 100 26.71 19.91 -2.75
CA ASN B 100 26.40 20.52 -4.07
C ASN B 100 26.45 19.49 -5.26
N SER B 101 26.12 18.22 -4.96
CA SER B 101 26.17 17.14 -5.97
C SER B 101 25.08 16.05 -5.76
N VAL B 102 24.51 15.53 -6.85
CA VAL B 102 23.46 14.50 -6.79
C VAL B 102 24.02 13.08 -6.63
N VAL B 103 23.43 12.29 -5.72
CA VAL B 103 23.77 10.86 -5.59
C VAL B 103 22.50 10.01 -5.75
N CYS B 104 22.49 9.09 -6.72
CA CYS B 104 21.31 8.25 -7.00
C CYS B 104 21.50 6.88 -6.33
N SER B 105 20.38 6.23 -5.97
CA SER B 105 20.39 4.87 -5.38
C SER B 105 19.08 4.16 -5.75
N CYS B 106 18.95 2.88 -5.37
CA CYS B 106 17.81 2.06 -5.80
C CYS B 106 17.19 1.25 -4.65
N ALA B 107 15.95 0.83 -4.83
CA ALA B 107 15.26 -0.04 -3.86
C ALA B 107 15.97 -1.38 -3.78
N ARG B 108 15.66 -2.12 -2.72
CA ARG B 108 16.25 -3.42 -2.50
C ARG B 108 15.79 -4.36 -3.61
N GLY B 109 16.74 -5.10 -4.16
CA GLY B 109 16.48 -5.96 -5.32
C GLY B 109 16.89 -5.38 -6.68
N TYR B 110 17.46 -4.16 -6.68
CA TYR B 110 17.95 -3.48 -7.88
C TYR B 110 19.41 -3.12 -7.65
N THR B 111 20.21 -3.04 -8.69
CA THR B 111 21.58 -2.52 -8.52
C THR B 111 21.72 -1.27 -9.40
N LEU B 112 22.50 -0.30 -8.96
CA LEU B 112 22.73 0.93 -9.71
C LEU B 112 23.57 0.60 -10.97
N ALA B 113 23.14 1.08 -12.12
CA ALA B 113 23.84 0.87 -13.40
C ALA B 113 25.19 1.59 -13.48
N ASP B 114 26.00 1.23 -14.47
CA ASP B 114 27.32 1.85 -14.72
C ASP B 114 27.26 3.38 -14.85
N ASN B 115 26.17 3.92 -15.41
CA ASN B 115 26.02 5.38 -15.52
C ASN B 115 25.71 6.10 -14.18
N GLY B 116 25.57 5.33 -13.10
CA GLY B 116 25.24 5.87 -11.76
C GLY B 116 23.84 6.46 -11.60
N LYS B 117 22.94 6.17 -12.54
CA LYS B 117 21.58 6.75 -12.53
C LYS B 117 20.44 5.74 -12.65
N ALA B 118 20.55 4.81 -13.62
CA ALA B 118 19.52 3.79 -13.83
C ALA B 118 19.62 2.70 -12.77
N CYS B 119 18.50 2.01 -12.53
CA CYS B 119 18.36 0.92 -11.56
C CYS B 119 18.01 -0.39 -12.31
N ILE B 120 18.83 -1.42 -12.14
CA ILE B 120 18.65 -2.69 -12.85
C ILE B 120 18.22 -3.82 -11.92
N PRO B 121 17.13 -4.52 -12.28
CA PRO B 121 16.63 -5.62 -11.44
C PRO B 121 17.63 -6.76 -11.37
N THR B 122 17.89 -7.25 -10.15
CA THR B 122 18.82 -8.35 -9.92
C THR B 122 18.28 -9.71 -10.38
N GLY B 123 17.00 -9.94 -10.19
CA GLY B 123 16.43 -11.24 -10.54
C GLY B 123 14.98 -11.14 -10.97
N PRO B 124 14.30 -12.28 -11.13
CA PRO B 124 12.89 -12.30 -11.58
C PRO B 124 11.93 -11.65 -10.56
N TYR B 125 10.80 -11.12 -11.06
CA TYR B 125 9.79 -10.48 -10.21
C TYR B 125 10.35 -9.41 -9.23
N PRO B 126 11.05 -8.37 -9.75
CA PRO B 126 11.56 -7.31 -8.86
C PRO B 126 10.40 -6.51 -8.25
N CYS B 127 10.61 -5.87 -7.11
CA CYS B 127 9.54 -5.10 -6.49
C CYS B 127 9.06 -3.95 -7.38
N GLY B 128 7.77 -3.63 -7.23
CA GLY B 128 7.21 -2.44 -7.87
C GLY B 128 6.88 -2.50 -9.35
N LYS B 129 7.08 -3.67 -9.96
CA LYS B 129 6.75 -3.85 -11.39
C LYS B 129 5.47 -4.67 -11.61
N GLN B 130 4.57 -4.18 -12.48
CA GLN B 130 3.37 -4.96 -12.84
C GLN B 130 3.85 -6.21 -13.62
N THR B 131 3.16 -7.34 -13.45
CA THR B 131 3.59 -8.60 -14.06
C THR B 131 3.03 -8.82 -15.50
N LEU B 132 3.87 -9.33 -16.41
CA LEU B 132 3.44 -9.55 -17.84
C LEU B 132 3.57 -10.95 -18.49
N GLU B 133 4.03 -11.96 -17.76
CA GLU B 133 4.21 -13.27 -18.39
C GLU B 133 4.46 -14.41 -17.38
#